data_8DJY
#
_entry.id   8DJY
#
_cell.length_a   75.807
_cell.length_b   75.807
_cell.length_c   119.978
_cell.angle_alpha   90.000
_cell.angle_beta   90.000
_cell.angle_gamma   120.000
#
_symmetry.space_group_name_H-M   'P 62 2 2'
#
loop_
_entity.id
_entity.type
_entity.pdbx_description
1 polymer 'Polymerase acidic protein'
2 non-polymer (2M)-6-bromo-2-(4,5-dihydro-1H-imidazol-2-yl)-3-hydroxypyridin-4(1H)-one
3 non-polymer 'MANGANESE (II) ION'
4 water water
#
_entity_poly.entity_id   1
_entity_poly.type   'polypeptide(L)'
_entity_poly.pdbx_seq_one_letter_code
;MGSGSAMEDFVRQCFNPMIVELAEKAMKEYGEDPKIETNKFAAICTHLEVCFMYSDFGSGDPNALLKHRFEIIEGRDRIM
AWTVVNSICNTTGVEKPKFLPDLYDYKENRFIEIGVTRREVHIYYLEKANKIKSEKTHIHIFSFTGEEMATKADYTLDEE
SRARIKTRLFTIRQEMASRSLWDSFRQSERGE
;
_entity_poly.pdbx_strand_id   A
#
loop_
_chem_comp.id
_chem_comp.type
_chem_comp.name
_chem_comp.formula
MN non-polymer 'MANGANESE (II) ION' 'Mn 2'
U3L non-polymer (2M)-6-bromo-2-(4,5-dihydro-1H-imidazol-2-yl)-3-hydroxypyridin-4(1H)-one 'C8 H8 Br N3 O2'
#
# COMPACT_ATOMS: atom_id res chain seq x y z
N SER A 5 12.82 5.79 19.88
CA SER A 5 13.60 4.56 19.86
C SER A 5 13.94 4.10 18.43
N ALA A 6 14.28 2.81 18.29
CA ALA A 6 14.93 2.37 17.06
C ALA A 6 13.99 2.37 15.87
N MET A 7 12.72 2.02 16.08
CA MET A 7 11.76 1.97 14.97
C MET A 7 11.57 3.33 14.31
N GLU A 8 11.33 4.38 15.11
CA GLU A 8 11.20 5.71 14.52
C GLU A 8 12.45 6.10 13.74
N ASP A 9 13.63 5.83 14.32
CA ASP A 9 14.90 6.11 13.63
C ASP A 9 14.98 5.38 12.29
N PHE A 10 14.68 4.09 12.28
CA PHE A 10 14.69 3.35 11.01
C PHE A 10 13.74 3.99 10.01
N VAL A 11 12.52 4.29 10.44
CA VAL A 11 11.54 4.91 9.55
C VAL A 11 12.11 6.18 8.94
N ARG A 12 12.83 6.97 9.75
CA ARG A 12 13.35 8.24 9.25
C ARG A 12 14.56 8.06 8.33
N GLN A 13 15.38 7.02 8.54
CA GLN A 13 16.48 6.76 7.63
C GLN A 13 16.00 6.20 6.30
N CYS A 14 14.99 5.32 6.32
CA CYS A 14 14.69 4.53 5.13
CA CYS A 14 14.69 4.53 5.13
C CYS A 14 13.55 5.07 4.27
N PHE A 15 12.68 5.91 4.81
CA PHE A 15 11.62 6.46 3.97
C PHE A 15 11.89 7.94 3.77
N ASN A 16 11.47 8.46 2.63
CA ASN A 16 11.84 9.84 2.39
C ASN A 16 10.88 10.78 3.12
N PRO A 17 11.31 12.03 3.35
CA PRO A 17 10.55 12.94 4.21
C PRO A 17 9.05 13.03 3.90
N MET A 18 8.66 13.09 2.63
CA MET A 18 7.25 13.27 2.31
C MET A 18 6.42 12.06 2.72
N ILE A 19 6.92 10.83 2.47
CA ILE A 19 6.21 9.63 2.92
C ILE A 19 6.06 9.63 4.44
N VAL A 20 7.13 9.99 5.16
CA VAL A 20 7.06 10.03 6.62
C VAL A 20 5.99 11.02 7.08
N GLU A 21 6.03 12.25 6.53
CA GLU A 21 5.04 13.25 6.95
C GLU A 21 3.62 12.77 6.65
N LEU A 22 3.41 12.12 5.50
CA LEU A 22 2.08 11.62 5.18
C LEU A 22 1.65 10.59 6.21
N ALA A 23 2.54 9.65 6.54
CA ALA A 23 2.18 8.56 7.46
C ALA A 23 1.91 9.11 8.86
N GLU A 24 2.64 10.15 9.27
CA GLU A 24 2.40 10.78 10.56
C GLU A 24 1.04 11.47 10.59
N LYS A 25 0.67 12.14 9.50
CA LYS A 25 -0.68 12.68 9.41
C LYS A 25 -1.73 11.57 9.47
N ALA A 26 -1.48 10.44 8.79
CA ALA A 26 -2.43 9.34 8.86
C ALA A 26 -2.60 8.85 10.28
N MET A 27 -1.50 8.79 11.06
CA MET A 27 -1.59 8.40 12.46
C MET A 27 -2.35 9.43 13.29
N LYS A 28 -1.95 10.71 13.20
CA LYS A 28 -2.64 11.75 13.95
C LYS A 28 -4.14 11.75 13.68
N GLU A 29 -4.55 11.47 12.44
CA GLU A 29 -5.97 11.37 12.11
C GLU A 29 -6.68 10.46 13.11
N TYR A 30 -6.39 9.16 13.06
CA TYR A 30 -7.03 8.22 13.98
C TYR A 30 -6.86 8.67 15.42
N GLY A 31 -5.62 8.93 15.82
CA GLY A 31 -5.30 9.26 17.20
C GLY A 31 -4.09 8.47 17.66
N GLU A 32 -3.30 7.99 16.70
CA GLU A 32 -2.21 7.06 16.99
C GLU A 32 -0.87 7.79 17.08
N ASP A 33 -0.02 7.31 17.99
CA ASP A 33 1.27 7.92 18.26
C ASP A 33 2.39 7.12 17.59
N PRO A 34 3.10 7.68 16.59
CA PRO A 34 4.12 6.89 15.90
C PRO A 34 5.27 6.47 16.79
N LYS A 35 5.47 7.14 17.93
CA LYS A 35 6.52 6.70 18.84
C LYS A 35 6.08 5.51 19.68
N ILE A 36 4.79 5.21 19.71
CA ILE A 36 4.24 4.08 20.45
C ILE A 36 3.87 2.95 19.52
N GLU A 37 3.02 3.24 18.51
CA GLU A 37 2.61 2.26 17.50
C GLU A 37 3.61 2.29 16.35
N THR A 38 4.82 1.81 16.66
CA THR A 38 5.92 1.94 15.72
C THR A 38 5.81 0.95 14.56
N ASN A 39 5.30 -0.26 14.82
CA ASN A 39 5.08 -1.21 13.73
C ASN A 39 4.06 -0.67 12.74
N LYS A 40 2.99 -0.04 13.24
CA LYS A 40 1.99 0.51 12.33
C LYS A 40 2.58 1.66 11.52
N PHE A 41 3.34 2.54 12.19
CA PHE A 41 4.11 3.59 11.51
C PHE A 41 4.87 3.04 10.32
N ALA A 42 5.70 2.01 10.58
CA ALA A 42 6.47 1.38 9.53
C ALA A 42 5.56 0.78 8.44
N ALA A 43 4.46 0.14 8.84
CA ALA A 43 3.57 -0.47 7.86
C ALA A 43 2.92 0.59 6.98
N ILE A 44 2.57 1.73 7.57
CA ILE A 44 1.94 2.80 6.80
C ILE A 44 2.93 3.36 5.78
N CYS A 45 4.16 3.63 6.23
CA CYS A 45 5.18 4.11 5.30
C CYS A 45 5.38 3.12 4.16
N THR A 46 5.47 1.83 4.50
CA THR A 46 5.77 0.84 3.48
C THR A 46 4.65 0.77 2.45
N HIS A 47 3.40 0.76 2.92
CA HIS A 47 2.26 0.75 2.00
C HIS A 47 2.23 2.02 1.14
N LEU A 48 2.46 3.17 1.75
CA LEU A 48 2.51 4.40 0.96
C LEU A 48 3.54 4.28 -0.17
N GLU A 49 4.76 3.87 0.19
CA GLU A 49 5.82 3.88 -0.81
C GLU A 49 5.55 2.89 -1.92
N VAL A 50 4.92 1.74 -1.60
CA VAL A 50 4.60 0.79 -2.65
C VAL A 50 3.57 1.38 -3.59
N CYS A 51 2.54 2.02 -3.02
CA CYS A 51 1.53 2.67 -3.85
C CYS A 51 2.17 3.71 -4.79
N PHE A 52 3.15 4.46 -4.28
CA PHE A 52 3.76 5.49 -5.13
C PHE A 52 4.62 4.85 -6.21
N MET A 53 5.37 3.79 -5.88
CA MET A 53 6.14 3.08 -6.91
C MET A 53 5.22 2.50 -7.97
N TYR A 54 4.20 1.77 -7.54
CA TYR A 54 3.22 1.20 -8.45
C TYR A 54 2.75 2.27 -9.42
N SER A 55 2.35 3.43 -8.88
CA SER A 55 1.82 4.50 -9.72
C SER A 55 2.90 5.12 -10.62
N ASP A 56 4.13 5.22 -10.13
CA ASP A 56 5.18 5.83 -10.93
C ASP A 56 5.61 4.92 -12.07
N PHE A 57 5.31 3.63 -11.99
CA PHE A 57 5.66 2.69 -13.05
C PHE A 57 4.71 2.77 -14.25
N GLY A 58 3.97 3.87 -14.36
CA GLY A 58 3.13 4.13 -15.51
C GLY A 58 3.77 5.12 -16.46
N LYS A 67 1.18 10.81 -20.86
CA LYS A 67 0.42 9.60 -20.55
C LYS A 67 0.85 8.94 -19.27
N HIS A 68 0.01 9.07 -18.25
CA HIS A 68 0.19 8.39 -16.97
C HIS A 68 -0.95 7.38 -16.80
N ARG A 69 -0.59 6.14 -16.50
CA ARG A 69 -1.58 5.08 -16.45
C ARG A 69 -2.36 5.08 -15.15
N PHE A 70 -1.76 5.52 -14.06
CA PHE A 70 -2.38 5.39 -12.75
C PHE A 70 -2.71 6.75 -12.17
N GLU A 71 -3.78 6.77 -11.39
CA GLU A 71 -4.11 7.88 -10.51
C GLU A 71 -3.92 7.40 -9.08
N ILE A 72 -3.07 8.08 -8.32
CA ILE A 72 -2.88 7.73 -6.91
C ILE A 72 -4.01 8.34 -6.11
N ILE A 73 -4.70 7.50 -5.35
CA ILE A 73 -5.72 7.94 -4.41
C ILE A 73 -5.23 7.84 -2.98
N GLU A 74 -4.49 6.78 -2.65
CA GLU A 74 -3.80 6.68 -1.38
C GLU A 74 -2.86 7.87 -1.19
N GLY A 75 -2.78 8.37 0.06
CA GLY A 75 -1.94 9.50 0.40
C GLY A 75 -2.64 10.86 0.39
N ARG A 76 -3.73 11.00 -0.36
CA ARG A 76 -4.53 12.20 -0.28
C ARG A 76 -5.33 12.21 1.02
N ASP A 77 -5.73 13.41 1.43
CA ASP A 77 -6.74 13.52 2.48
C ASP A 77 -8.09 13.01 1.97
N ARG A 78 -8.97 12.65 2.90
CA ARG A 78 -10.19 11.94 2.50
C ARG A 78 -11.03 12.76 1.53
N ILE A 79 -11.20 14.07 1.81
CA ILE A 79 -11.95 14.95 0.92
C ILE A 79 -11.45 14.82 -0.50
N MET A 80 -10.14 15.01 -0.67
CA MET A 80 -9.57 15.01 -2.00
C MET A 80 -9.63 13.62 -2.62
N ALA A 81 -9.40 12.57 -1.83
CA ALA A 81 -9.47 11.22 -2.36
C ALA A 81 -10.87 10.90 -2.91
N TRP A 82 -11.91 11.19 -2.13
CA TRP A 82 -13.25 10.92 -2.63
C TRP A 82 -13.60 11.85 -3.78
N THR A 83 -13.08 13.06 -3.79
CA THR A 83 -13.27 13.94 -4.93
C THR A 83 -12.67 13.32 -6.20
N VAL A 84 -11.49 12.68 -6.07
CA VAL A 84 -10.85 12.03 -7.22
C VAL A 84 -11.64 10.81 -7.66
N VAL A 85 -12.01 9.95 -6.72
CA VAL A 85 -12.82 8.79 -7.06
C VAL A 85 -14.11 9.24 -7.74
N ASN A 86 -14.75 10.28 -7.21
CA ASN A 86 -16.00 10.75 -7.77
C ASN A 86 -15.81 11.26 -9.20
N SER A 87 -14.71 11.99 -9.43
CA SER A 87 -14.44 12.51 -10.76
C SER A 87 -14.27 11.37 -11.76
N ILE A 88 -13.49 10.35 -11.37
CA ILE A 88 -13.24 9.20 -12.23
C ILE A 88 -14.55 8.45 -12.55
N CYS A 89 -15.40 8.26 -11.53
CA CYS A 89 -16.69 7.62 -11.76
C CYS A 89 -17.54 8.43 -12.74
N ASN A 90 -17.66 9.74 -12.51
CA ASN A 90 -18.52 10.54 -13.35
C ASN A 90 -18.02 10.59 -14.78
N THR A 91 -16.72 10.49 -14.99
CA THR A 91 -16.17 10.53 -16.34
C THR A 91 -15.95 9.17 -16.99
N THR A 92 -16.18 8.07 -16.27
CA THR A 92 -16.04 6.74 -16.86
C THR A 92 -17.27 5.86 -16.66
N GLY A 93 -18.19 6.21 -15.78
CA GLY A 93 -19.29 5.36 -15.42
C GLY A 93 -18.91 4.19 -14.55
N VAL A 94 -17.62 3.97 -14.30
CA VAL A 94 -17.20 2.89 -13.41
C VAL A 94 -17.90 3.02 -12.07
N GLU A 95 -18.42 1.91 -11.57
CA GLU A 95 -19.13 1.88 -10.30
C GLU A 95 -18.25 2.42 -9.18
N LYS A 96 -18.87 3.20 -8.28
CA LYS A 96 -18.15 3.81 -7.17
C LYS A 96 -17.85 2.78 -6.10
N PRO A 97 -16.62 2.70 -5.59
CA PRO A 97 -16.31 1.74 -4.54
C PRO A 97 -16.94 2.12 -3.22
N LYS A 98 -17.09 1.11 -2.36
CA LYS A 98 -17.59 1.35 -1.01
C LYS A 98 -16.49 1.81 -0.09
N PHE A 99 -15.24 1.44 -0.37
CA PHE A 99 -14.06 1.88 0.39
C PHE A 99 -13.06 2.57 -0.53
N LEU A 100 -12.35 3.55 0.02
CA LEU A 100 -11.29 4.22 -0.72
C LEU A 100 -10.28 3.22 -1.23
N PRO A 101 -10.08 3.10 -2.54
CA PRO A 101 -9.04 2.20 -3.02
C PRO A 101 -7.74 2.97 -3.09
N ASP A 102 -6.69 2.33 -3.60
CA ASP A 102 -5.35 2.91 -3.61
C ASP A 102 -5.02 3.63 -4.91
N LEU A 103 -5.47 3.10 -6.06
CA LEU A 103 -5.15 3.71 -7.34
C LEU A 103 -6.30 3.47 -8.32
N TYR A 104 -6.28 4.23 -9.41
CA TYR A 104 -7.13 3.97 -10.57
C TYR A 104 -6.24 3.70 -11.79
N ASP A 105 -6.58 2.66 -12.55
CA ASP A 105 -5.84 2.27 -13.74
C ASP A 105 -6.68 2.72 -14.94
N TYR A 106 -6.20 3.76 -15.62
CA TYR A 106 -6.87 4.34 -16.79
C TYR A 106 -6.73 3.46 -18.02
N LYS A 107 -5.72 2.59 -18.07
CA LYS A 107 -5.61 1.63 -19.16
C LYS A 107 -6.66 0.51 -19.04
N GLU A 108 -6.64 -0.22 -17.91
CA GLU A 108 -7.64 -1.26 -17.67
C GLU A 108 -8.99 -0.69 -17.22
N ASN A 109 -9.02 0.58 -16.84
CA ASN A 109 -10.23 1.27 -16.35
C ASN A 109 -10.82 0.56 -15.13
N ARG A 110 -9.99 0.44 -14.08
CA ARG A 110 -10.45 -0.20 -12.86
C ARG A 110 -9.69 0.36 -11.66
N PHE A 111 -10.33 0.36 -10.50
CA PHE A 111 -9.61 0.71 -9.30
C PHE A 111 -8.76 -0.46 -8.83
N ILE A 112 -7.67 -0.14 -8.13
CA ILE A 112 -6.78 -1.13 -7.57
C ILE A 112 -6.66 -0.91 -6.07
N GLU A 113 -6.80 -2.01 -5.33
CA GLU A 113 -6.44 -2.09 -3.91
C GLU A 113 -5.09 -2.80 -3.81
N ILE A 114 -4.14 -2.18 -3.11
CA ILE A 114 -2.78 -2.68 -2.96
C ILE A 114 -2.62 -3.17 -1.53
N GLY A 115 -2.23 -4.43 -1.37
CA GLY A 115 -1.99 -5.02 -0.05
C GLY A 115 -0.52 -5.30 0.16
N VAL A 116 -0.03 -5.03 1.36
CA VAL A 116 1.32 -5.40 1.80
C VAL A 116 1.21 -6.12 3.13
N THR A 117 1.62 -7.40 3.14
CA THR A 117 1.38 -8.28 4.26
C THR A 117 2.68 -8.95 4.69
N ARG A 118 2.75 -9.24 5.98
CA ARG A 118 3.81 -10.06 6.57
C ARG A 118 3.42 -11.52 6.64
N ARG A 119 2.17 -11.86 6.29
CA ARG A 119 1.68 -13.24 6.30
C ARG A 119 1.63 -13.77 4.87
N GLU A 120 1.06 -14.97 4.69
CA GLU A 120 0.96 -15.53 3.36
C GLU A 120 0.13 -14.62 2.46
N VAL A 121 0.55 -14.49 1.19
CA VAL A 121 -0.16 -13.58 0.29
C VAL A 121 -1.59 -14.05 0.06
N HIS A 122 -1.86 -15.37 0.08
CA HIS A 122 -3.22 -15.81 -0.20
C HIS A 122 -4.12 -15.51 0.99
N ILE A 123 -3.57 -15.59 2.20
CA ILE A 123 -4.33 -15.29 3.42
C ILE A 123 -4.83 -13.85 3.38
N TYR A 124 -3.90 -12.91 3.10
CA TYR A 124 -4.26 -11.50 3.03
C TYR A 124 -5.16 -11.21 1.83
N TYR A 125 -4.92 -11.88 0.69
CA TYR A 125 -5.83 -11.73 -0.44
C TYR A 125 -7.26 -12.06 -0.03
N LEU A 126 -7.46 -13.22 0.60
CA LEU A 126 -8.80 -13.57 1.06
C LEU A 126 -9.36 -12.52 2.02
N GLU A 127 -8.52 -12.04 2.93
CA GLU A 127 -8.96 -10.99 3.86
C GLU A 127 -9.47 -9.75 3.11
N LYS A 128 -8.67 -9.23 2.17
CA LYS A 128 -9.07 -8.04 1.42
C LYS A 128 -10.31 -8.30 0.58
N ALA A 129 -10.35 -9.44 -0.13
CA ALA A 129 -11.48 -9.74 -0.99
C ALA A 129 -12.76 -9.85 -0.20
N ASN A 130 -12.68 -10.47 0.98
CA ASN A 130 -13.85 -10.59 1.85
C ASN A 130 -14.27 -9.23 2.38
N LYS A 131 -13.29 -8.34 2.65
CA LYS A 131 -13.59 -7.02 3.19
C LYS A 131 -14.31 -6.14 2.18
N ILE A 132 -13.75 -6.02 0.97
CA ILE A 132 -14.26 -5.02 0.05
C ILE A 132 -15.41 -5.54 -0.81
N LYS A 133 -15.56 -6.86 -0.95
CA LYS A 133 -16.74 -7.50 -1.54
C LYS A 133 -17.30 -6.68 -2.71
N SER A 134 -16.40 -6.32 -3.62
CA SER A 134 -16.71 -5.63 -4.87
C SER A 134 -15.96 -6.36 -5.99
N GLU A 135 -16.72 -7.03 -6.87
CA GLU A 135 -16.08 -7.82 -7.93
C GLU A 135 -15.27 -6.96 -8.91
N LYS A 136 -15.44 -5.64 -8.85
CA LYS A 136 -14.89 -4.71 -9.84
C LYS A 136 -13.51 -4.19 -9.47
N THR A 137 -13.21 -4.01 -8.18
CA THR A 137 -11.92 -3.47 -7.74
C THR A 137 -10.86 -4.57 -7.80
N HIS A 138 -9.84 -4.35 -8.64
CA HIS A 138 -8.73 -5.29 -8.74
C HIS A 138 -7.89 -5.27 -7.47
N ILE A 139 -7.43 -6.45 -7.04
CA ILE A 139 -6.64 -6.57 -5.82
C ILE A 139 -5.25 -7.10 -6.17
N HIS A 140 -4.21 -6.45 -5.64
CA HIS A 140 -2.83 -6.88 -5.82
C HIS A 140 -2.14 -6.87 -4.46
N ILE A 141 -1.64 -8.03 -4.05
CA ILE A 141 -1.03 -8.28 -2.76
C ILE A 141 0.46 -8.58 -2.96
N PHE A 142 1.31 -7.85 -2.25
CA PHE A 142 2.74 -8.12 -2.19
C PHE A 142 3.10 -8.57 -0.78
N SER A 143 3.99 -9.55 -0.69
CA SER A 143 4.61 -9.92 0.57
C SER A 143 6.03 -9.35 0.64
N PHE A 144 6.70 -9.55 1.78
CA PHE A 144 8.12 -9.27 1.93
C PHE A 144 9.01 -10.43 1.50
N THR A 145 8.45 -11.48 0.92
CA THR A 145 9.22 -12.65 0.49
C THR A 145 9.33 -12.71 -1.03
N GLY A 146 8.94 -11.66 -1.73
CA GLY A 146 8.99 -11.67 -3.17
C GLY A 146 7.78 -12.33 -3.79
N GLU A 147 6.69 -12.48 -3.05
CA GLU A 147 5.50 -13.17 -3.55
C GLU A 147 4.38 -12.18 -3.82
N GLU A 148 3.55 -12.48 -4.82
CA GLU A 148 2.38 -11.65 -5.11
C GLU A 148 1.16 -12.52 -5.36
N MET A 149 0.00 -11.90 -5.20
CA MET A 149 -1.29 -12.48 -5.57
C MET A 149 -2.16 -11.36 -6.12
N ALA A 150 -2.86 -11.61 -7.23
CA ALA A 150 -3.70 -10.57 -7.81
C ALA A 150 -4.95 -11.20 -8.39
N THR A 151 -6.04 -10.44 -8.39
CA THR A 151 -7.26 -10.88 -9.05
C THR A 151 -6.93 -11.54 -10.37
N LYS A 152 -7.56 -12.70 -10.62
CA LYS A 152 -7.44 -13.39 -11.91
C LYS A 152 -5.97 -13.60 -12.32
N ALA A 153 -5.05 -13.51 -11.36
CA ALA A 153 -3.63 -13.52 -11.65
C ALA A 153 -3.26 -12.49 -12.71
N ASP A 154 -3.97 -11.36 -12.73
CA ASP A 154 -3.63 -10.23 -13.58
C ASP A 154 -2.88 -9.23 -12.73
N TYR A 155 -1.58 -9.13 -12.95
CA TYR A 155 -0.68 -8.29 -12.16
C TYR A 155 -0.49 -6.88 -12.72
N THR A 156 -1.19 -6.50 -13.79
CA THR A 156 -1.25 -5.11 -14.25
C THR A 156 0.10 -4.59 -14.74
N LEU A 157 1.18 -4.83 -13.99
CA LEU A 157 2.50 -4.30 -14.27
C LEU A 157 3.36 -5.30 -15.05
N ASP A 158 4.42 -4.78 -15.66
CA ASP A 158 5.42 -5.61 -16.31
C ASP A 158 6.39 -6.16 -15.27
N GLU A 159 7.14 -7.18 -15.66
CA GLU A 159 7.92 -7.94 -14.67
C GLU A 159 8.91 -7.04 -13.96
N GLU A 160 9.52 -6.11 -14.67
CA GLU A 160 10.57 -5.29 -14.08
C GLU A 160 10.03 -4.40 -12.97
N SER A 161 8.80 -3.88 -13.13
CA SER A 161 8.18 -3.03 -12.12
C SER A 161 7.80 -3.84 -10.88
N ARG A 162 7.09 -4.95 -11.09
CA ARG A 162 6.79 -5.81 -9.96
C ARG A 162 8.07 -6.24 -9.24
N ALA A 163 9.14 -6.51 -10.00
CA ALA A 163 10.41 -6.88 -9.40
C ALA A 163 11.00 -5.74 -8.58
N ARG A 164 10.92 -4.50 -9.08
CA ARG A 164 11.43 -3.36 -8.32
C ARG A 164 10.71 -3.22 -6.98
N ILE A 165 9.39 -3.43 -6.98
CA ILE A 165 8.61 -3.42 -5.74
C ILE A 165 9.05 -4.55 -4.82
N LYS A 166 9.17 -5.77 -5.36
CA LYS A 166 9.58 -6.90 -4.55
C LYS A 166 10.93 -6.64 -3.90
N THR A 167 11.90 -6.16 -4.70
CA THR A 167 13.22 -5.90 -4.14
C THR A 167 13.11 -4.89 -3.01
N ARG A 168 12.34 -3.81 -3.21
CA ARG A 168 12.26 -2.79 -2.18
C ARG A 168 11.64 -3.33 -0.89
N LEU A 169 10.59 -4.15 -1.00
CA LEU A 169 9.97 -4.70 0.20
C LEU A 169 10.96 -5.60 0.95
N PHE A 170 11.58 -6.55 0.23
CA PHE A 170 12.60 -7.41 0.83
C PHE A 170 13.72 -6.59 1.48
N THR A 171 14.13 -5.49 0.83
CA THR A 171 15.13 -4.63 1.44
C THR A 171 14.65 -4.06 2.75
N ILE A 172 13.42 -3.55 2.78
CA ILE A 172 12.89 -3.01 4.03
C ILE A 172 12.94 -4.07 5.11
N ARG A 173 12.52 -5.29 4.75
CA ARG A 173 12.55 -6.40 5.68
C ARG A 173 13.95 -6.66 6.21
N GLN A 174 14.94 -6.72 5.32
CA GLN A 174 16.28 -7.06 5.78
C GLN A 174 16.85 -5.93 6.62
N GLU A 175 16.48 -4.69 6.32
CA GLU A 175 16.93 -3.58 7.14
C GLU A 175 16.33 -3.68 8.54
N MET A 176 15.05 -4.09 8.65
CA MET A 176 14.50 -4.29 9.99
C MET A 176 15.19 -5.45 10.69
N ALA A 177 15.55 -6.49 9.93
CA ALA A 177 16.16 -7.66 10.53
C ALA A 177 17.53 -7.36 11.10
N SER A 178 18.33 -6.56 10.37
CA SER A 178 19.66 -6.23 10.88
C SER A 178 19.59 -5.32 12.09
N ARG A 179 18.49 -4.56 12.24
CA ARG A 179 18.26 -3.76 13.44
C ARG A 179 17.51 -4.53 14.51
N SER A 180 17.18 -5.80 14.26
CA SER A 180 16.41 -6.64 15.18
C SER A 180 14.95 -6.20 15.32
N LEU A 181 14.41 -5.46 14.34
CA LEU A 181 13.02 -5.01 14.42
C LEU A 181 12.07 -5.93 13.68
N TRP A 182 12.59 -6.83 12.82
CA TRP A 182 11.74 -7.58 11.92
C TRP A 182 10.79 -8.52 12.68
N ASP A 183 11.27 -9.19 13.71
CA ASP A 183 10.41 -10.19 14.37
C ASP A 183 9.20 -9.54 15.02
N SER A 184 9.39 -8.40 15.67
CA SER A 184 8.26 -7.66 16.19
C SER A 184 7.29 -7.27 15.08
N PHE A 185 7.84 -6.97 13.90
CA PHE A 185 7.04 -6.40 12.83
C PHE A 185 6.19 -7.45 12.13
N ARG A 186 6.77 -8.61 11.83
CA ARG A 186 6.00 -9.65 11.15
C ARG A 186 5.03 -10.37 12.09
N GLN A 187 5.32 -10.40 13.40
CA GLN A 187 4.39 -10.97 14.37
C GLN A 187 3.25 -10.02 14.69
N SER A 188 3.36 -8.77 14.28
CA SER A 188 2.31 -7.80 14.47
C SER A 188 1.48 -7.74 13.19
N GLU A 189 0.18 -7.92 13.32
CA GLU A 189 -0.70 -7.71 12.18
C GLU A 189 -1.00 -6.24 11.96
N ARG A 190 -0.50 -5.37 12.85
CA ARG A 190 -0.86 -3.96 12.82
C ARG A 190 -0.31 -3.29 11.57
N GLY A 191 -1.19 -2.60 10.84
CA GLY A 191 -0.85 -1.97 9.58
C GLY A 191 -1.42 -2.67 8.36
N GLU A 192 -1.93 -3.89 8.53
CA GLU A 192 -2.59 -4.65 7.46
C GLU A 192 -4.12 -4.59 7.61
C02 U3L B . -5.10 0.35 2.59
C03 U3L B . -5.84 1.12 3.68
C04 U3L B . -6.54 2.45 3.40
C06 U3L B . -7.42 4.34 2.30
C07 U3L B . -7.66 4.50 3.77
C10 U3L B . -5.22 -0.68 5.38
C12 U3L B . -4.47 -1.46 4.31
C13 U3L B . -4.42 -0.93 2.93
N05 U3L B . -6.73 3.09 2.09
N08 U3L B . -7.11 3.35 4.43
N09 U3L B . -5.89 0.59 5.05
O01 U3L B . -5.06 0.85 1.30
O14 U3L B . -3.84 -1.54 2.10
BR11 U3L B . -5.30 -1.37 7.21
H062 U3L B . -6.72 5.12 2.01
H061 U3L B . -8.40 4.23 1.84
H072 U3L B . -7.06 5.35 4.08
H071 U3L B . -8.73 4.45 3.91
H121 U3L B . -3.99 -2.40 4.55
H081 U3L B . -7.11 3.17 5.42
H091 U3L B . -6.37 1.10 5.77
MN MN C . -4.09 -0.84 0.19
MN MN D . -5.68 2.67 0.66
#